data_6OZY
#
_entry.id   6OZY
#
_cell.length_a   39.770
_cell.length_b   59.370
_cell.length_c   93.940
_cell.angle_alpha   90.000
_cell.angle_beta   90.000
_cell.angle_gamma   90.000
#
_symmetry.space_group_name_H-M   'P 2 2 21'
#
loop_
_entity.id
_entity.type
_entity.pdbx_description
1 polymer 'UPF0335 protein CC_3319'
2 non-polymer 'CADMIUM ION'
3 water water
#
_entity_poly.entity_id   1
_entity_poly.type   'polypeptide(L)'
_entity_poly.pdbx_seq_one_letter_code
;MHHHHHHHHPDLGTGSENLYFQGAMADDAIPHTDVLNSTAQGQLKSIIERVERLEVEKAEIMEQIKEVYAEAKGNGFDVK
VLKKVVRIRKQDRAKRQEEDAILDLYLSAIGEI
;
_entity_poly.pdbx_strand_id   A,B
#
loop_
_chem_comp.id
_chem_comp.type
_chem_comp.name
_chem_comp.formula
CD non-polymer 'CADMIUM ION' 'Cd 2'
#
# COMPACT_ATOMS: atom_id res chain seq x y z
N VAL A 35 -33.84 3.29 -2.81
CA VAL A 35 -33.38 2.20 -3.66
C VAL A 35 -32.87 2.73 -4.99
N LEU A 36 -31.63 2.38 -5.33
CA LEU A 36 -31.03 2.82 -6.58
C LEU A 36 -31.69 2.15 -7.78
N ASN A 37 -31.83 2.89 -8.87
CA ASN A 37 -32.42 2.34 -10.08
C ASN A 37 -31.46 1.40 -10.81
N SER A 38 -31.94 0.80 -11.90
CA SER A 38 -31.16 -0.19 -12.63
C SER A 38 -29.85 0.40 -13.16
N THR A 39 -29.89 1.68 -13.54
CA THR A 39 -28.71 2.35 -14.08
C THR A 39 -27.64 2.51 -13.03
N ALA A 40 -28.00 3.12 -11.89
CA ALA A 40 -27.06 3.35 -10.81
C ALA A 40 -26.58 2.02 -10.22
N GLN A 41 -27.47 1.03 -10.20
CA GLN A 41 -27.15 -0.29 -9.67
C GLN A 41 -26.07 -0.97 -10.52
N GLY A 42 -26.27 -0.98 -11.83
CA GLY A 42 -25.34 -1.62 -12.74
C GLY A 42 -23.96 -1.00 -12.73
N GLN A 43 -23.93 0.33 -12.57
CA GLN A 43 -22.66 1.05 -12.55
C GLN A 43 -21.95 0.86 -11.22
N LEU A 44 -22.72 0.76 -10.14
CA LEU A 44 -22.15 0.55 -8.82
C LEU A 44 -21.40 -0.78 -8.77
N LYS A 45 -21.98 -1.81 -9.36
CA LYS A 45 -21.34 -3.12 -9.42
C LYS A 45 -20.04 -3.08 -10.21
N SER A 46 -20.03 -2.37 -11.32
CA SER A 46 -18.85 -2.27 -12.16
C SER A 46 -17.70 -1.56 -11.45
N ILE A 47 -18.05 -0.55 -10.66
CA ILE A 47 -17.06 0.20 -9.91
C ILE A 47 -16.38 -0.70 -8.89
N ILE A 48 -17.17 -1.37 -8.06
CA ILE A 48 -16.63 -2.24 -7.03
C ILE A 48 -15.84 -3.38 -7.66
N GLU A 49 -16.37 -3.96 -8.73
CA GLU A 49 -15.71 -5.04 -9.43
C GLU A 49 -14.36 -4.60 -9.97
N ARG A 50 -14.34 -3.41 -10.58
CA ARG A 50 -13.12 -2.87 -11.16
C ARG A 50 -12.08 -2.60 -10.06
N VAL A 51 -12.48 -1.86 -9.04
CA VAL A 51 -11.60 -1.55 -7.92
C VAL A 51 -11.04 -2.81 -7.29
N GLU A 52 -11.91 -3.77 -7.01
CA GLU A 52 -11.48 -5.03 -6.39
C GLU A 52 -10.51 -5.78 -7.30
N ARG A 53 -10.64 -5.60 -8.60
CA ARG A 53 -9.73 -6.25 -9.54
C ARG A 53 -8.34 -5.62 -9.44
N LEU A 54 -8.30 -4.29 -9.44
CA LEU A 54 -7.02 -3.58 -9.31
C LEU A 54 -6.35 -3.92 -7.98
N GLU A 55 -7.16 -4.13 -6.94
CA GLU A 55 -6.63 -4.41 -5.61
C GLU A 55 -5.91 -5.76 -5.59
N VAL A 56 -6.46 -6.73 -6.30
CA VAL A 56 -5.84 -8.05 -6.40
C VAL A 56 -4.56 -7.93 -7.20
N GLU A 57 -4.60 -7.15 -8.28
CA GLU A 57 -3.41 -6.91 -9.09
C GLU A 57 -2.33 -6.25 -8.24
N LYS A 58 -2.74 -5.36 -7.35
CA LYS A 58 -1.81 -4.71 -6.45
C LYS A 58 -1.26 -5.71 -5.43
N ALA A 59 -2.12 -6.63 -5.00
CA ALA A 59 -1.72 -7.66 -4.05
C ALA A 59 -0.65 -8.55 -4.65
N GLU A 60 -0.77 -8.83 -5.95
CA GLU A 60 0.21 -9.66 -6.64
C GLU A 60 1.57 -8.99 -6.65
N ILE A 61 1.59 -7.69 -6.97
CA ILE A 61 2.83 -6.93 -7.01
C ILE A 61 3.46 -6.89 -5.62
N MET A 62 2.64 -6.69 -4.59
CA MET A 62 3.14 -6.68 -3.23
C MET A 62 3.72 -8.04 -2.86
N GLU A 63 3.15 -9.10 -3.43
CA GLU A 63 3.63 -10.46 -3.18
C GLU A 63 4.99 -10.66 -3.84
N GLN A 64 5.14 -10.13 -5.05
CA GLN A 64 6.39 -10.23 -5.78
C GLN A 64 7.52 -9.51 -5.05
N ILE A 65 7.20 -8.37 -4.45
CA ILE A 65 8.17 -7.61 -3.67
C ILE A 65 8.61 -8.40 -2.44
N LYS A 66 7.68 -9.13 -1.83
CA LYS A 66 8.01 -9.97 -0.68
C LYS A 66 8.94 -11.11 -1.10
N GLU A 67 8.68 -11.67 -2.27
CA GLU A 67 9.45 -12.81 -2.77
C GLU A 67 10.89 -12.43 -3.05
N VAL A 68 11.12 -11.18 -3.45
CA VAL A 68 12.47 -10.67 -3.66
C VAL A 68 13.19 -10.55 -2.33
N TYR A 69 12.52 -9.96 -1.35
CA TYR A 69 13.10 -9.77 -0.02
C TYR A 69 13.32 -11.11 0.67
N ALA A 70 12.40 -12.05 0.44
CA ALA A 70 12.54 -13.39 0.99
C ALA A 70 13.74 -14.08 0.37
N GLU A 71 13.96 -13.85 -0.92
CA GLU A 71 15.10 -14.41 -1.63
C GLU A 71 16.39 -13.78 -1.13
N ALA A 72 16.35 -12.46 -0.92
CA ALA A 72 17.52 -11.73 -0.44
C ALA A 72 17.93 -12.23 0.94
N LYS A 73 16.95 -12.43 1.81
CA LYS A 73 17.19 -12.92 3.17
C LYS A 73 17.85 -14.29 3.12
N GLY A 74 17.50 -15.08 2.11
CA GLY A 74 18.08 -16.39 1.94
C GLY A 74 19.55 -16.31 1.58
N ASN A 75 19.92 -15.26 0.84
CA ASN A 75 21.30 -15.06 0.44
C ASN A 75 22.10 -14.28 1.48
N GLY A 76 21.51 -14.09 2.66
CA GLY A 76 22.22 -13.50 3.78
C GLY A 76 22.09 -12.00 3.91
N PHE A 77 21.18 -11.40 3.13
CA PHE A 77 20.96 -9.96 3.19
C PHE A 77 20.02 -9.58 4.33
N ASP A 78 20.09 -8.33 4.73
CA ASP A 78 19.24 -7.80 5.80
C ASP A 78 18.07 -7.06 5.19
N VAL A 79 16.89 -7.68 5.23
CA VAL A 79 15.70 -7.15 4.57
C VAL A 79 15.35 -5.76 5.08
N LYS A 80 15.49 -5.54 6.38
CA LYS A 80 15.16 -4.25 6.98
C LYS A 80 16.06 -3.15 6.40
N VAL A 81 17.34 -3.47 6.22
CA VAL A 81 18.29 -2.51 5.68
C VAL A 81 18.03 -2.28 4.20
N LEU A 82 17.70 -3.35 3.49
CA LEU A 82 17.40 -3.27 2.06
C LEU A 82 16.25 -2.31 1.80
N LYS A 83 15.19 -2.44 2.60
CA LYS A 83 14.02 -1.60 2.45
C LYS A 83 14.36 -0.13 2.64
N LYS A 84 15.33 0.14 3.52
CA LYS A 84 15.75 1.50 3.79
C LYS A 84 16.53 2.07 2.61
N VAL A 85 17.34 1.23 1.98
CA VAL A 85 18.11 1.63 0.80
C VAL A 85 17.18 2.08 -0.31
N VAL A 86 16.11 1.32 -0.54
CA VAL A 86 15.11 1.67 -1.53
C VAL A 86 14.45 2.99 -1.15
N ARG A 87 14.21 3.17 0.15
CA ARG A 87 13.58 4.39 0.65
C ARG A 87 14.54 5.56 0.53
N ILE A 88 15.83 5.30 0.73
CA ILE A 88 16.86 6.33 0.64
C ILE A 88 17.02 6.78 -0.81
N ARG A 89 17.01 5.81 -1.73
CA ARG A 89 17.24 6.10 -3.14
C ARG A 89 16.12 6.92 -3.79
N LYS A 90 15.01 7.08 -3.07
CA LYS A 90 13.91 7.89 -3.57
C LYS A 90 14.31 9.37 -3.65
N GLN A 91 15.24 9.77 -2.80
CA GLN A 91 15.75 11.14 -2.79
C GLN A 91 17.18 11.15 -3.35
N ASP A 92 17.54 12.25 -4.01
CA ASP A 92 18.83 12.35 -4.68
C ASP A 92 19.97 12.37 -3.67
N ARG A 93 21.16 11.99 -4.14
CA ARG A 93 22.32 11.84 -3.26
C ARG A 93 22.77 13.16 -2.65
N ALA A 94 22.60 14.25 -3.39
CA ALA A 94 23.05 15.56 -2.95
C ALA A 94 22.32 16.02 -1.68
N LYS A 95 21.00 16.09 -1.76
CA LYS A 95 20.19 16.51 -0.62
C LYS A 95 20.29 15.51 0.52
N ARG A 96 20.51 14.24 0.19
CA ARG A 96 20.71 13.21 1.18
C ARG A 96 21.85 13.54 2.13
N GLN A 97 23.03 13.73 1.55
CA GLN A 97 24.24 13.98 2.32
C GLN A 97 24.20 15.35 2.98
N GLU A 98 23.45 16.28 2.37
CA GLU A 98 23.27 17.60 2.95
C GLU A 98 22.46 17.53 4.24
N GLU A 99 21.39 16.74 4.20
CA GLU A 99 20.55 16.54 5.37
C GLU A 99 21.33 15.83 6.48
N ASP A 100 22.13 14.85 6.09
CA ASP A 100 22.88 14.05 7.06
C ASP A 100 24.00 14.87 7.70
N ALA A 101 24.49 15.87 6.96
CA ALA A 101 25.53 16.76 7.46
C ALA A 101 24.98 17.61 8.61
N ILE A 102 23.73 18.03 8.49
CA ILE A 102 23.07 18.80 9.55
C ILE A 102 22.78 17.91 10.74
N LEU A 103 22.46 16.65 10.48
CA LEU A 103 22.19 15.68 11.54
C LEU A 103 23.41 15.50 12.44
N ASP A 104 24.56 15.22 11.83
CA ASP A 104 25.81 15.06 12.57
C ASP A 104 26.19 16.34 13.30
N LEU A 105 25.92 17.47 12.66
CA LEU A 105 26.18 18.77 13.27
C LEU A 105 25.35 18.92 14.54
N TYR A 106 24.11 18.48 14.49
CA TYR A 106 23.21 18.55 15.65
C TYR A 106 23.58 17.50 16.70
N LEU A 107 23.86 16.29 16.25
CA LEU A 107 24.18 15.19 17.16
C LEU A 107 25.47 15.44 17.92
N SER A 108 26.43 16.11 17.27
CA SER A 108 27.70 16.41 17.91
C SER A 108 27.55 17.59 18.87
N ALA A 109 26.63 18.51 18.55
CA ALA A 109 26.40 19.68 19.37
C ALA A 109 25.81 19.30 20.72
N ILE A 110 24.91 18.33 20.71
CA ILE A 110 24.25 17.87 21.94
C ILE A 110 25.05 16.75 22.61
N GLY A 111 26.27 16.55 22.15
CA GLY A 111 27.13 15.49 22.70
C GLY A 111 26.63 14.12 22.30
N VAL B 35 32.19 -8.25 4.46
CA VAL B 35 31.83 -7.29 3.43
C VAL B 35 31.14 -7.97 2.25
N LEU B 36 30.83 -7.19 1.22
CA LEU B 36 30.22 -7.73 0.00
C LEU B 36 31.26 -7.91 -1.10
N ASN B 37 31.35 -9.14 -1.60
CA ASN B 37 32.26 -9.46 -2.71
C ASN B 37 31.61 -9.15 -4.05
N SER B 38 32.33 -9.47 -5.13
CA SER B 38 31.86 -9.18 -6.48
C SER B 38 30.48 -9.79 -6.71
N THR B 39 30.30 -11.01 -6.25
CA THR B 39 29.04 -11.72 -6.43
C THR B 39 27.92 -11.07 -5.62
N ALA B 40 28.17 -10.85 -4.34
CA ALA B 40 27.19 -10.25 -3.45
C ALA B 40 26.85 -8.82 -3.88
N GLN B 41 27.86 -8.11 -4.37
CA GLN B 41 27.66 -6.75 -4.87
C GLN B 41 26.71 -6.75 -6.06
N GLY B 42 26.90 -7.72 -6.96
CA GLY B 42 26.04 -7.85 -8.12
C GLY B 42 24.63 -8.21 -7.72
N GLN B 43 24.50 -9.11 -6.75
CA GLN B 43 23.20 -9.51 -6.25
C GLN B 43 22.45 -8.31 -5.66
N LEU B 44 23.11 -7.59 -4.76
CA LEU B 44 22.52 -6.43 -4.09
C LEU B 44 21.94 -5.44 -5.09
N LYS B 45 22.68 -5.18 -6.16
CA LYS B 45 22.23 -4.26 -7.20
C LYS B 45 20.92 -4.76 -7.81
N SER B 46 20.83 -6.07 -8.01
CA SER B 46 19.66 -6.66 -8.64
C SER B 46 18.44 -6.57 -7.72
N ILE B 47 18.66 -6.74 -6.42
CA ILE B 47 17.57 -6.63 -5.45
C ILE B 47 16.92 -5.26 -5.52
N ILE B 48 17.74 -4.21 -5.47
CA ILE B 48 17.24 -2.85 -5.48
C ILE B 48 16.52 -2.55 -6.78
N GLU B 49 17.12 -2.92 -7.90
CA GLU B 49 16.53 -2.67 -9.21
C GLU B 49 15.21 -3.40 -9.39
N ARG B 50 15.17 -4.66 -8.96
CA ARG B 50 13.95 -5.46 -9.07
C ARG B 50 12.83 -4.88 -8.21
N VAL B 51 13.16 -4.57 -6.96
CA VAL B 51 12.18 -4.00 -6.04
C VAL B 51 11.68 -2.66 -6.57
N GLU B 52 12.60 -1.83 -7.04
CA GLU B 52 12.24 -0.50 -7.51
C GLU B 52 11.30 -0.55 -8.71
N ARG B 53 11.53 -1.52 -9.61
CA ARG B 53 10.64 -1.67 -10.77
C ARG B 53 9.23 -2.05 -10.33
N LEU B 54 9.14 -2.94 -9.36
CA LEU B 54 7.85 -3.40 -8.86
C LEU B 54 7.11 -2.28 -8.13
N GLU B 55 7.86 -1.43 -7.43
CA GLU B 55 7.27 -0.31 -6.71
C GLU B 55 6.65 0.69 -7.69
N VAL B 56 7.26 0.81 -8.87
CA VAL B 56 6.73 1.68 -9.92
C VAL B 56 5.40 1.13 -10.42
N GLU B 57 5.34 -0.18 -10.61
CA GLU B 57 4.12 -0.83 -11.08
C GLU B 57 3.02 -0.71 -10.04
N LYS B 58 3.39 -0.84 -8.77
CA LYS B 58 2.45 -0.70 -7.67
C LYS B 58 1.82 0.69 -7.69
N ALA B 59 2.61 1.69 -8.05
CA ALA B 59 2.13 3.06 -8.11
C ALA B 59 1.16 3.25 -9.27
N GLU B 60 1.42 2.56 -10.38
CA GLU B 60 0.54 2.63 -11.53
C GLU B 60 -0.85 2.10 -11.16
N ILE B 61 -0.89 0.95 -10.50
CA ILE B 61 -2.16 0.35 -10.07
C ILE B 61 -2.89 1.30 -9.13
N MET B 62 -2.15 1.81 -8.13
CA MET B 62 -2.71 2.74 -7.16
C MET B 62 -3.31 3.96 -7.86
N GLU B 63 -2.64 4.43 -8.91
CA GLU B 63 -3.12 5.58 -9.67
C GLU B 63 -4.41 5.22 -10.41
N GLN B 64 -4.45 4.00 -10.96
CA GLN B 64 -5.63 3.54 -11.69
C GLN B 64 -6.83 3.43 -10.77
N ILE B 65 -6.60 2.94 -9.55
CA ILE B 65 -7.66 2.85 -8.55
C ILE B 65 -8.19 4.24 -8.23
N LYS B 66 -7.31 5.23 -8.19
CA LYS B 66 -7.70 6.60 -7.90
C LYS B 66 -8.56 7.15 -9.04
N GLU B 67 -8.24 6.74 -10.27
CA GLU B 67 -8.97 7.18 -11.45
C GLU B 67 -10.39 6.65 -11.44
N VAL B 68 -10.55 5.39 -11.01
CA VAL B 68 -11.87 4.77 -10.94
C VAL B 68 -12.77 5.52 -9.97
N TYR B 69 -12.21 5.87 -8.81
CA TYR B 69 -12.95 6.64 -7.81
C TYR B 69 -13.24 8.06 -8.31
N ALA B 70 -12.35 8.58 -9.15
CA ALA B 70 -12.54 9.91 -9.71
C ALA B 70 -13.73 9.91 -10.67
N GLU B 71 -13.85 8.86 -11.46
CA GLU B 71 -14.96 8.72 -12.39
C GLU B 71 -16.27 8.51 -11.64
N ALA B 72 -16.21 7.73 -10.58
CA ALA B 72 -17.38 7.44 -9.75
C ALA B 72 -17.89 8.72 -9.09
N LYS B 73 -16.97 9.53 -8.59
CA LYS B 73 -17.32 10.80 -7.96
C LYS B 73 -17.95 11.72 -8.99
N GLY B 74 -17.43 11.69 -10.21
CA GLY B 74 -17.95 12.51 -11.29
C GLY B 74 -19.37 12.12 -11.67
N ASN B 75 -19.73 10.87 -11.43
CA ASN B 75 -21.05 10.36 -11.78
C ASN B 75 -22.01 10.35 -10.59
N GLY B 76 -21.59 10.96 -9.49
CA GLY B 76 -22.49 11.22 -8.37
C GLY B 76 -22.38 10.27 -7.20
N PHE B 77 -21.43 9.34 -7.24
CA PHE B 77 -21.27 8.36 -6.16
C PHE B 77 -20.39 8.90 -5.03
N ASP B 78 -20.76 8.56 -3.80
CA ASP B 78 -19.97 8.92 -2.63
C ASP B 78 -18.74 8.01 -2.53
N VAL B 79 -17.57 8.58 -2.77
CA VAL B 79 -16.32 7.82 -2.79
C VAL B 79 -16.02 7.19 -1.43
N LYS B 80 -16.24 7.95 -0.37
CA LYS B 80 -15.97 7.47 0.98
C LYS B 80 -16.77 6.21 1.29
N VAL B 81 -18.03 6.20 0.88
CA VAL B 81 -18.89 5.05 1.11
C VAL B 81 -18.45 3.87 0.25
N LEU B 82 -18.08 4.14 -1.00
CA LEU B 82 -17.60 3.11 -1.89
C LEU B 82 -16.37 2.42 -1.30
N LYS B 83 -15.45 3.20 -0.76
CA LYS B 83 -14.23 2.66 -0.18
C LYS B 83 -14.53 1.80 1.04
N LYS B 84 -15.63 2.10 1.72
CA LYS B 84 -16.04 1.31 2.88
C LYS B 84 -16.68 0.00 2.43
N VAL B 85 -17.38 0.04 1.29
CA VAL B 85 -17.97 -1.17 0.71
C VAL B 85 -16.86 -2.16 0.36
N VAL B 86 -15.80 -1.66 -0.26
CA VAL B 86 -14.65 -2.49 -0.60
C VAL B 86 -13.96 -2.98 0.67
N ARG B 87 -13.94 -2.13 1.69
CA ARG B 87 -13.34 -2.49 2.97
C ARG B 87 -14.11 -3.65 3.62
N ILE B 88 -15.42 -3.52 3.65
CA ILE B 88 -16.29 -4.52 4.27
C ILE B 88 -16.18 -5.87 3.56
N ARG B 89 -16.12 -5.82 2.23
CA ARG B 89 -16.10 -7.05 1.43
C ARG B 89 -14.78 -7.80 1.57
N LYS B 90 -13.72 -7.13 1.99
CA LYS B 90 -12.44 -7.78 2.23
C LYS B 90 -12.49 -8.64 3.50
N GLN B 91 -13.18 -8.14 4.52
CA GLN B 91 -13.20 -8.78 5.82
C GLN B 91 -14.03 -10.06 5.83
N ASP B 92 -13.72 -10.95 6.76
CA ASP B 92 -14.46 -12.18 6.95
C ASP B 92 -15.88 -11.85 7.40
N ARG B 93 -16.87 -12.42 6.70
CA ARG B 93 -18.27 -12.10 6.94
C ARG B 93 -18.71 -12.44 8.36
N ALA B 94 -18.27 -13.59 8.86
CA ALA B 94 -18.65 -14.03 10.19
C ALA B 94 -18.15 -13.05 11.25
N LYS B 95 -16.87 -12.71 11.18
CA LYS B 95 -16.27 -11.79 12.14
C LYS B 95 -16.86 -10.39 12.00
N ARG B 96 -17.13 -9.98 10.76
CA ARG B 96 -17.70 -8.66 10.50
C ARG B 96 -19.09 -8.53 11.12
N GLN B 97 -19.93 -9.54 10.90
CA GLN B 97 -21.30 -9.53 11.39
C GLN B 97 -21.35 -9.60 12.91
N GLU B 98 -20.40 -10.33 13.50
CA GLU B 98 -20.32 -10.45 14.95
C GLU B 98 -19.91 -9.12 15.59
N GLU B 99 -18.90 -8.47 14.99
CA GLU B 99 -18.43 -7.20 15.52
C GLU B 99 -19.48 -6.11 15.37
N ASP B 100 -20.18 -6.12 14.24
CA ASP B 100 -21.23 -5.14 13.99
C ASP B 100 -22.38 -5.32 14.99
N ALA B 101 -22.57 -6.55 15.44
CA ALA B 101 -23.63 -6.85 16.40
C ALA B 101 -23.29 -6.28 17.77
N ILE B 102 -22.06 -6.51 18.21
CA ILE B 102 -21.60 -6.01 19.49
C ILE B 102 -21.57 -4.48 19.47
N LEU B 103 -21.25 -3.92 18.30
CA LEU B 103 -21.19 -2.48 18.13
C LEU B 103 -22.57 -1.85 18.37
N ASP B 104 -23.59 -2.41 17.73
CA ASP B 104 -24.95 -1.89 17.87
C ASP B 104 -25.43 -1.94 19.31
N LEU B 105 -24.97 -2.95 20.05
CA LEU B 105 -25.33 -3.10 21.45
C LEU B 105 -24.77 -1.94 22.28
N TYR B 106 -23.50 -1.63 22.05
CA TYR B 106 -22.83 -0.59 22.81
C TYR B 106 -23.38 0.79 22.48
N LEU B 107 -23.60 1.05 21.19
CA LEU B 107 -24.09 2.35 20.74
C LEU B 107 -25.47 2.67 21.31
N SER B 108 -26.36 1.69 21.28
CA SER B 108 -27.72 1.89 21.78
C SER B 108 -27.73 1.99 23.30
N ALA B 109 -26.73 1.39 23.95
CA ALA B 109 -26.63 1.41 25.41
C ALA B 109 -26.33 2.82 25.91
N ILE B 110 -25.59 3.58 25.11
CA ILE B 110 -25.25 4.96 25.44
C ILE B 110 -26.00 5.94 24.53
N GLY B 111 -27.06 5.47 23.89
CA GLY B 111 -27.90 6.30 23.05
C GLY B 111 -27.17 6.98 21.90
N GLU B 112 -26.65 6.18 20.97
CA GLU B 112 -25.90 6.69 19.84
C GLU B 112 -26.43 6.16 18.51
N ILE B 113 -27.27 5.13 18.58
CA ILE B 113 -27.86 4.52 17.38
C ILE B 113 -29.35 4.28 17.60
CD CD C . 26.30 10.61 9.41
#